data_7SJM
#
_entry.id   7SJM
#
_cell.length_a   154.118
_cell.length_b   60.338
_cell.length_c   53.444
_cell.angle_alpha   90.000
_cell.angle_beta   97.320
_cell.angle_gamma   90.000
#
_symmetry.space_group_name_H-M   'C 1 2 1'
#
loop_
_entity.id
_entity.type
_entity.pdbx_description
1 polymer 'Heavy Chain'
2 polymer 'Light Chain'
3 non-polymer 'SULFATE ION'
4 non-polymer GLYCEROL
5 water water
#
loop_
_entity_poly.entity_id
_entity_poly.type
_entity_poly.pdbx_seq_one_letter_code
_entity_poly.pdbx_strand_id
1 'polypeptide(L)'
;EVQLVQSGAEVKKPGASVKVSCKASGYKFTDSEMHWVRQAPGQGLEWIGGVDPETEGAAYNQKFKGRATITRDTSTSTAY
LELSSLRSEDTAVYYCTRGYDYDYALDYWGQGTLVTVSSASTKGPSVFPLAPSSKSTSGGTAALGCLVKDYFPEPVTVSW
NSGALTSGVHTFPAVLQSSGLYSLSSVVTVPSSSLGTQTYICNVNHKPSNTKVDKKVEPKSCDKTHT
;
H
2 'polypeptide(L)'
;DIQMTQSPSSLSASVGDRVTITCRASSSVEFIHWYQQKPGKAPKPLISATSNLASGVPSRFSGSGSGTDFTLTISSLQPE
DFATYYCQQWSSAPWTFGQGTKVEIKRTVAAPSVFIFPPSDEQLKSGTASVVCLLNNFYPREAKVQWKVDNALQSGNSQE
SVTEQDSKDSTYSLSSTLTLSKADYEKHKVYACEVTHQGLSSPVTKSFNRGEC
;
L
#
# COMPACT_ATOMS: atom_id res chain seq x y z
N GLU A 1 18.12 17.63 3.21
CA GLU A 1 17.01 16.89 2.63
C GLU A 1 15.71 17.31 3.33
N VAL A 2 14.67 17.67 2.56
CA VAL A 2 13.35 18.05 3.11
C VAL A 2 12.65 16.79 3.58
N GLN A 3 12.12 16.81 4.82
CA GLN A 3 11.33 15.71 5.35
C GLN A 3 10.08 16.24 6.03
N LEU A 4 8.97 15.54 5.81
CA LEU A 4 7.69 15.80 6.43
C LEU A 4 7.31 14.49 7.10
N VAL A 5 7.37 14.47 8.42
CA VAL A 5 7.12 13.23 9.18
C VAL A 5 5.83 13.38 9.99
N GLN A 6 4.87 12.53 9.68
CA GLN A 6 3.58 12.58 10.35
C GLN A 6 3.50 11.66 11.54
N SER A 7 2.47 11.90 12.39
CA SER A 7 2.17 11.05 13.53
C SER A 7 1.52 9.76 13.04
N GLY A 8 1.50 8.76 13.91
CA GLY A 8 1.06 7.41 13.61
C GLY A 8 -0.43 7.24 13.40
N ALA A 9 -0.83 6.10 12.81
CA ALA A 9 -2.23 5.76 12.58
C ALA A 9 -3.02 5.76 13.85
N GLU A 10 -4.29 6.11 13.75
CA GLU A 10 -5.15 6.15 14.92
C GLU A 10 -6.51 5.64 14.60
N VAL A 11 -7.21 5.18 15.62
CA VAL A 11 -8.62 4.78 15.55
C VAL A 11 -9.40 5.70 16.48
N LYS A 12 -10.54 6.20 16.03
CA LYS A 12 -11.37 7.10 16.83
C LYS A 12 -12.82 6.71 16.71
N LYS A 13 -13.61 6.93 17.78
CA LYS A 13 -15.04 6.63 17.72
C LYS A 13 -15.80 7.72 16.95
N PRO A 14 -16.96 7.39 16.31
CA PRO A 14 -17.77 8.46 15.69
C PRO A 14 -18.11 9.54 16.72
N GLY A 15 -18.08 10.80 16.29
CA GLY A 15 -18.35 11.94 17.16
C GLY A 15 -17.12 12.54 17.79
N ALA A 16 -16.02 11.77 17.85
CA ALA A 16 -14.76 12.20 18.45
C ALA A 16 -13.96 13.13 17.52
N SER A 17 -12.78 13.54 17.98
CA SER A 17 -11.89 14.42 17.24
C SER A 17 -10.55 13.74 17.12
N VAL A 18 -9.79 14.11 16.09
CA VAL A 18 -8.42 13.59 15.89
C VAL A 18 -7.53 14.78 15.58
N LYS A 19 -6.26 14.71 16.01
CA LYS A 19 -5.27 15.74 15.72
C LYS A 19 -4.05 15.01 15.20
N VAL A 20 -3.69 15.27 13.93
CA VAL A 20 -2.55 14.65 13.23
C VAL A 20 -1.43 15.69 13.16
N SER A 21 -0.18 15.27 13.41
CA SER A 21 0.95 16.22 13.39
C SER A 21 1.82 15.95 12.17
N CYS A 22 2.57 16.98 11.76
CA CYS A 22 3.43 16.91 10.59
C CYS A 22 4.66 17.72 10.93
N LYS A 23 5.74 17.03 11.25
CA LYS A 23 7.02 17.64 11.67
C LYS A 23 7.88 17.87 10.44
N ALA A 24 8.18 19.17 10.11
CA ALA A 24 8.98 19.56 8.93
C ALA A 24 10.43 19.82 9.27
N SER A 25 11.36 19.45 8.36
CA SER A 25 12.80 19.74 8.55
C SER A 25 13.46 19.86 7.18
N GLY A 26 14.64 20.46 7.15
CA GLY A 26 15.43 20.57 5.91
C GLY A 26 15.12 21.77 5.04
N TYR A 27 14.38 22.75 5.58
CA TYR A 27 14.03 24.01 4.91
C TYR A 27 13.51 24.98 5.93
N LYS A 28 13.33 26.25 5.52
CA LYS A 28 12.79 27.30 6.38
C LYS A 28 11.26 27.14 6.42
N PHE A 29 10.77 26.51 7.49
CA PHE A 29 9.36 26.24 7.73
C PHE A 29 8.41 27.41 7.46
N THR A 30 8.78 28.66 7.87
CA THR A 30 7.89 29.82 7.72
C THR A 30 7.79 30.38 6.31
N ASP A 31 8.68 29.93 5.39
CA ASP A 31 8.71 30.42 4.00
C ASP A 31 7.75 29.68 3.07
N SER A 32 7.14 28.54 3.52
CA SER A 32 6.20 27.77 2.69
C SER A 32 4.96 27.41 3.43
N GLU A 33 3.86 27.30 2.68
CA GLU A 33 2.57 26.89 3.23
C GLU A 33 2.57 25.37 3.49
N MET A 34 1.70 24.94 4.39
CA MET A 34 1.53 23.52 4.68
C MET A 34 0.06 23.20 4.44
N HIS A 35 -0.19 22.25 3.56
CA HIS A 35 -1.54 21.85 3.21
C HIS A 35 -1.79 20.43 3.65
N TRP A 36 -3.06 20.10 3.80
CA TRP A 36 -3.52 18.75 4.14
C TRP A 36 -4.43 18.26 3.05
N VAL A 37 -4.19 17.01 2.61
CA VAL A 37 -4.96 16.39 1.53
C VAL A 37 -5.33 14.99 2.06
N ARG A 38 -6.57 14.55 1.86
CA ARG A 38 -6.87 13.19 2.25
C ARG A 38 -7.20 12.30 1.08
N GLN A 39 -7.03 11.02 1.31
CA GLN A 39 -7.32 10.01 0.32
C GLN A 39 -8.13 8.89 0.94
N ALA A 40 -9.36 8.77 0.50
CA ALA A 40 -10.19 7.63 0.90
C ALA A 40 -10.08 6.69 -0.32
N PRO A 41 -9.32 5.56 -0.24
CA PRO A 41 -9.19 4.69 -1.44
C PRO A 41 -10.43 3.82 -1.71
N GLY A 42 -11.02 3.85 -2.92
CA GLY A 42 -10.60 4.61 -4.09
C GLY A 42 -11.62 5.66 -4.52
N GLN A 43 -11.60 6.82 -3.86
CA GLN A 43 -12.44 8.02 -4.05
C GLN A 43 -11.52 9.23 -4.29
N GLY A 44 -10.25 8.92 -4.58
CA GLY A 44 -9.20 9.87 -4.94
C GLY A 44 -8.68 10.78 -3.85
N LEU A 45 -8.17 11.91 -4.30
CA LEU A 45 -7.53 12.90 -3.44
C LEU A 45 -8.41 14.10 -3.26
N GLU A 46 -8.48 14.63 -2.01
CA GLU A 46 -9.30 15.80 -1.69
C GLU A 46 -8.50 16.75 -0.81
N TRP A 47 -8.42 18.00 -1.21
CA TRP A 47 -7.74 19.04 -0.46
C TRP A 47 -8.63 19.41 0.72
N ILE A 48 -8.05 19.47 1.91
CA ILE A 48 -8.76 19.83 3.14
C ILE A 48 -8.60 21.33 3.40
N GLY A 49 -7.36 21.79 3.30
CA GLY A 49 -7.04 23.18 3.55
C GLY A 49 -5.57 23.31 3.84
N GLY A 50 -5.14 24.52 4.19
CA GLY A 50 -3.73 24.78 4.49
C GLY A 50 -3.53 25.98 5.37
N VAL A 51 -2.29 26.19 5.81
CA VAL A 51 -1.92 27.28 6.70
C VAL A 51 -0.66 27.94 6.19
N ASP A 52 -0.59 29.25 6.37
CA ASP A 52 0.62 29.98 6.06
C ASP A 52 1.35 30.06 7.44
N PRO A 53 2.51 29.41 7.67
CA PRO A 53 3.13 29.45 9.01
C PRO A 53 3.55 30.84 9.49
N GLU A 54 3.85 31.73 8.55
CA GLU A 54 4.26 33.08 8.92
C GLU A 54 3.14 33.90 9.52
N THR A 55 1.97 33.91 8.91
CA THR A 55 0.84 34.76 9.28
C THR A 55 -0.26 34.10 10.08
N GLU A 56 -0.28 32.75 10.12
CA GLU A 56 -1.35 31.92 10.72
C GLU A 56 -2.62 31.87 9.86
N GLY A 57 -2.58 32.51 8.68
CA GLY A 57 -3.70 32.50 7.77
C GLY A 57 -4.00 31.09 7.33
N ALA A 58 -5.28 30.70 7.39
CA ALA A 58 -5.70 29.36 7.00
C ALA A 58 -6.87 29.45 6.02
N ALA A 59 -6.90 28.53 5.06
CA ALA A 59 -7.99 28.42 4.08
C ALA A 59 -8.45 26.97 4.10
N TYR A 60 -9.74 26.74 3.91
CA TYR A 60 -10.33 25.40 3.93
C TYR A 60 -11.23 25.17 2.77
N ASN A 61 -11.36 23.90 2.42
CA ASN A 61 -12.33 23.41 1.45
C ASN A 61 -13.68 23.52 2.20
N GLN A 62 -14.66 24.24 1.64
CA GLN A 62 -15.99 24.44 2.26
C GLN A 62 -16.66 23.13 2.68
N LYS A 63 -16.36 22.01 1.95
CA LYS A 63 -16.93 20.67 2.17
C LYS A 63 -16.76 20.15 3.59
N PHE A 64 -15.72 20.60 4.29
CA PHE A 64 -15.45 20.12 5.63
C PHE A 64 -16.36 20.81 6.67
N LYS A 65 -17.12 21.85 6.22
CA LYS A 65 -18.11 22.61 6.99
C LYS A 65 -17.59 23.05 8.37
N GLY A 66 -16.37 23.61 8.39
CA GLY A 66 -15.72 24.11 9.60
C GLY A 66 -15.18 23.06 10.57
N ARG A 67 -15.38 21.74 10.27
CA ARG A 67 -14.92 20.63 11.12
C ARG A 67 -13.37 20.51 11.19
N ALA A 68 -12.68 21.06 10.19
CA ALA A 68 -11.21 20.98 10.14
C ALA A 68 -10.60 22.29 10.61
N THR A 69 -9.53 22.18 11.41
CA THR A 69 -8.77 23.33 11.91
C THR A 69 -7.31 22.97 11.70
N ILE A 70 -6.60 23.83 10.98
CA ILE A 70 -5.17 23.63 10.67
C ILE A 70 -4.37 24.69 11.38
N THR A 71 -3.39 24.27 12.18
CA THR A 71 -2.57 25.18 12.98
C THR A 71 -1.12 24.81 12.77
N ARG A 72 -0.22 25.56 13.38
CA ARG A 72 1.22 25.28 13.32
C ARG A 72 1.92 25.81 14.53
N ASP A 73 3.13 25.28 14.77
CA ASP A 73 4.02 25.78 15.82
C ASP A 73 5.34 26.10 15.15
N THR A 74 5.69 27.40 15.05
CA THR A 74 6.93 27.81 14.37
C THR A 74 8.15 27.53 15.19
N SER A 75 8.00 27.39 16.53
CA SER A 75 9.16 27.08 17.37
C SER A 75 9.64 25.61 17.18
N THR A 76 8.76 24.70 16.72
CA THR A 76 9.07 23.27 16.49
C THR A 76 8.88 22.86 15.02
N SER A 77 8.55 23.82 14.13
N SER A 77 8.54 23.82 14.12
CA SER A 77 8.31 23.61 12.69
CA SER A 77 8.33 23.53 12.68
C SER A 77 7.31 22.47 12.43
C SER A 77 7.33 22.39 12.49
N THR A 78 6.19 22.46 13.17
CA THR A 78 5.18 21.40 13.08
C THR A 78 3.84 21.99 12.69
N ALA A 79 3.14 21.33 11.75
CA ALA A 79 1.78 21.70 11.36
C ALA A 79 0.83 20.63 11.87
N TYR A 80 -0.41 21.02 12.13
CA TYR A 80 -1.40 20.12 12.69
C TYR A 80 -2.70 20.23 11.93
N LEU A 81 -3.41 19.13 11.87
CA LEU A 81 -4.74 19.08 11.31
C LEU A 81 -5.63 18.48 12.40
N GLU A 82 -6.67 19.20 12.80
CA GLU A 82 -7.62 18.69 13.77
C GLU A 82 -8.96 18.59 13.04
N LEU A 83 -9.56 17.40 13.05
CA LEU A 83 -10.86 17.16 12.41
C LEU A 83 -11.83 16.71 13.51
N SER A 84 -12.93 17.46 13.71
CA SER A 84 -13.90 17.17 14.77
C SER A 84 -15.18 16.51 14.22
N SER A 85 -16.08 16.07 15.12
CA SER A 85 -17.37 15.41 14.78
C SER A 85 -17.12 14.32 13.73
N LEU A 86 -16.14 13.44 14.03
CA LEU A 86 -15.75 12.35 13.11
C LEU A 86 -16.89 11.43 12.78
N ARG A 87 -16.96 11.07 11.51
CA ARG A 87 -17.96 10.15 10.99
C ARG A 87 -17.24 9.05 10.25
N SER A 88 -17.88 7.88 10.09
CA SER A 88 -17.35 6.71 9.39
C SER A 88 -16.68 7.10 8.07
N GLU A 89 -17.28 8.04 7.32
CA GLU A 89 -16.82 8.60 6.04
C GLU A 89 -15.46 9.36 6.14
N ASP A 90 -15.01 9.68 7.37
CA ASP A 90 -13.73 10.37 7.56
C ASP A 90 -12.55 9.41 7.58
N THR A 91 -12.84 8.10 7.53
CA THR A 91 -11.77 7.08 7.46
C THR A 91 -11.00 7.32 6.17
N ALA A 92 -9.71 7.65 6.29
CA ALA A 92 -8.90 7.96 5.11
C ALA A 92 -7.45 8.13 5.53
N VAL A 93 -6.57 8.19 4.54
CA VAL A 93 -5.17 8.48 4.79
C VAL A 93 -5.08 10.01 4.64
N TYR A 94 -4.55 10.67 5.65
CA TYR A 94 -4.37 12.12 5.70
C TYR A 94 -2.90 12.44 5.44
N TYR A 95 -2.63 13.30 4.44
CA TYR A 95 -1.27 13.70 4.11
C TYR A 95 -1.06 15.17 4.38
N CYS A 96 0.11 15.52 4.88
CA CYS A 96 0.54 16.92 4.94
C CYS A 96 1.48 17.07 3.73
N THR A 97 1.50 18.27 3.10
CA THR A 97 2.31 18.50 1.89
C THR A 97 2.67 19.95 1.79
N ARG A 98 3.86 20.23 1.30
CA ARG A 98 4.36 21.58 1.23
C ARG A 98 3.93 22.31 -0.04
N GLY A 99 3.40 23.51 0.17
CA GLY A 99 3.04 24.45 -0.88
C GLY A 99 4.20 25.42 -0.99
N TYR A 100 5.13 25.15 -1.91
CA TYR A 100 6.34 25.95 -2.08
C TYR A 100 6.10 27.26 -2.82
N ASP A 101 5.34 27.20 -3.92
CA ASP A 101 5.01 28.35 -4.78
C ASP A 101 3.76 28.00 -5.56
N TYR A 102 2.94 29.02 -5.88
CA TYR A 102 1.69 28.90 -6.65
C TYR A 102 1.93 28.21 -8.03
N ASP A 103 3.09 28.40 -8.62
CA ASP A 103 3.40 27.83 -9.92
C ASP A 103 4.02 26.43 -9.83
N TYR A 104 4.22 25.92 -8.62
CA TYR A 104 4.86 24.62 -8.40
C TYR A 104 3.89 23.63 -7.81
N ALA A 105 3.98 22.36 -8.23
CA ALA A 105 3.20 21.25 -7.68
C ALA A 105 3.61 21.03 -6.21
N LEU A 106 2.67 20.56 -5.35
CA LEU A 106 2.92 20.23 -3.94
C LEU A 106 4.14 19.28 -3.96
N ASP A 107 5.30 19.74 -3.47
CA ASP A 107 6.59 19.12 -3.78
C ASP A 107 7.14 18.08 -2.83
N TYR A 108 6.72 18.06 -1.59
CA TYR A 108 7.19 17.10 -0.59
C TYR A 108 5.92 16.78 0.15
N TRP A 109 5.63 15.47 0.33
CA TRP A 109 4.42 14.96 0.98
C TRP A 109 4.87 14.09 2.14
N GLY A 110 4.15 14.17 3.25
CA GLY A 110 4.41 13.30 4.38
C GLY A 110 4.06 11.87 4.00
N GLN A 111 4.33 10.93 4.90
CA GLN A 111 4.12 9.51 4.66
C GLN A 111 2.66 9.14 4.75
N GLY A 112 1.83 10.04 5.28
CA GLY A 112 0.41 9.82 5.46
C GLY A 112 0.07 9.20 6.80
N THR A 113 -1.13 9.50 7.28
CA THR A 113 -1.61 8.96 8.54
C THR A 113 -3.00 8.35 8.29
N LEU A 114 -3.14 7.05 8.52
CA LEU A 114 -4.46 6.46 8.37
C LEU A 114 -5.27 6.68 9.62
N VAL A 115 -6.40 7.35 9.49
CA VAL A 115 -7.32 7.57 10.60
C VAL A 115 -8.54 6.70 10.30
N THR A 116 -8.88 5.78 11.22
CA THR A 116 -10.05 4.92 11.03
C THR A 116 -11.13 5.37 12.02
N VAL A 117 -12.36 5.62 11.55
CA VAL A 117 -13.43 6.02 12.47
C VAL A 117 -14.33 4.80 12.64
N SER A 118 -14.37 4.25 13.88
CA SER A 118 -15.12 3.03 14.16
C SER A 118 -15.47 2.92 15.63
N SER A 119 -16.60 2.27 15.94
CA SER A 119 -17.01 2.01 17.32
C SER A 119 -16.35 0.73 17.80
N ALA A 120 -15.83 -0.09 16.85
CA ALA A 120 -15.23 -1.40 17.14
C ALA A 120 -13.95 -1.35 17.97
N SER A 121 -13.74 -2.41 18.72
CA SER A 121 -12.62 -2.56 19.63
C SER A 121 -11.34 -2.81 18.83
N THR A 122 -10.30 -2.08 19.19
CA THR A 122 -8.95 -2.20 18.66
C THR A 122 -8.40 -3.55 19.16
N LYS A 123 -7.76 -4.29 18.25
CA LYS A 123 -7.15 -5.57 18.58
C LYS A 123 -5.76 -5.65 17.98
N GLY A 124 -4.80 -5.99 18.82
CA GLY A 124 -3.40 -6.14 18.42
C GLY A 124 -3.17 -7.44 17.68
N PRO A 125 -2.22 -7.50 16.72
CA PRO A 125 -2.02 -8.77 16.00
C PRO A 125 -1.22 -9.82 16.75
N SER A 126 -1.39 -11.08 16.33
CA SER A 126 -0.57 -12.21 16.74
C SER A 126 0.35 -12.38 15.54
N VAL A 127 1.66 -12.57 15.76
CA VAL A 127 2.65 -12.70 14.68
C VAL A 127 3.23 -14.11 14.73
N PHE A 128 3.09 -14.84 13.63
CA PHE A 128 3.56 -16.20 13.52
C PHE A 128 4.61 -16.36 12.43
N PRO A 129 5.64 -17.21 12.63
CA PRO A 129 6.62 -17.39 11.55
C PRO A 129 6.07 -18.24 10.43
N LEU A 130 6.56 -18.00 9.20
CA LEU A 130 6.33 -18.81 8.02
C LEU A 130 7.73 -19.31 7.75
N ALA A 131 8.12 -20.38 8.45
CA ALA A 131 9.49 -20.94 8.37
C ALA A 131 9.87 -21.42 6.96
N PRO A 132 11.14 -21.17 6.51
CA PRO A 132 11.56 -21.77 5.23
C PRO A 132 11.76 -23.27 5.49
N SER A 133 11.44 -24.10 4.50
CA SER A 133 11.58 -25.55 4.64
C SER A 133 11.72 -26.16 3.27
N SER A 134 11.73 -27.51 3.20
CA SER A 134 11.82 -28.24 1.94
C SER A 134 10.55 -28.00 1.10
N LYS A 135 9.47 -27.47 1.72
CA LYS A 135 8.21 -27.18 1.02
C LYS A 135 8.15 -25.71 0.56
N SER A 136 9.22 -24.95 0.83
CA SER A 136 9.24 -23.56 0.40
C SER A 136 10.57 -23.18 -0.32
N THR A 137 11.10 -24.14 -1.09
CA THR A 137 12.31 -23.93 -1.90
C THR A 137 11.93 -23.96 -3.37
N SER A 138 12.69 -23.24 -4.20
CA SER A 138 12.46 -23.21 -5.65
C SER A 138 13.79 -22.88 -6.33
N GLY A 139 14.40 -23.90 -6.93
CA GLY A 139 15.67 -23.81 -7.63
C GLY A 139 16.74 -22.95 -7.00
N GLY A 140 17.10 -23.29 -5.77
CA GLY A 140 18.15 -22.61 -5.01
C GLY A 140 17.66 -21.41 -4.22
N THR A 141 16.36 -21.11 -4.31
CA THR A 141 15.83 -19.97 -3.52
C THR A 141 14.90 -20.51 -2.48
N ALA A 142 14.78 -19.81 -1.36
CA ALA A 142 13.91 -20.22 -0.29
C ALA A 142 12.97 -19.09 0.05
N ALA A 143 11.71 -19.40 0.34
CA ALA A 143 10.75 -18.39 0.78
C ALA A 143 10.47 -18.56 2.27
N LEU A 144 10.34 -17.44 2.95
CA LEU A 144 10.02 -17.39 4.37
C LEU A 144 9.19 -16.16 4.62
N GLY A 145 8.58 -16.06 5.77
CA GLY A 145 7.78 -14.88 6.05
C GLY A 145 7.22 -14.84 7.44
N CYS A 146 6.26 -13.94 7.66
CA CYS A 146 5.52 -13.79 8.91
C CYS A 146 4.06 -13.63 8.55
N LEU A 147 3.20 -14.26 9.35
CA LEU A 147 1.76 -14.17 9.22
C LEU A 147 1.34 -13.28 10.40
N VAL A 148 0.61 -12.20 10.09
CA VAL A 148 0.19 -11.19 11.05
C VAL A 148 -1.32 -11.32 11.11
N LYS A 149 -1.80 -12.00 12.15
CA LYS A 149 -3.18 -12.38 12.24
C LYS A 149 -4.01 -11.69 13.33
N ASP A 150 -5.29 -11.46 13.02
CA ASP A 150 -6.34 -10.97 13.89
C ASP A 150 -6.06 -9.61 14.50
N TYR A 151 -5.98 -8.57 13.67
CA TYR A 151 -5.81 -7.22 14.18
C TYR A 151 -6.92 -6.27 13.70
N PHE A 152 -7.06 -5.12 14.36
CA PHE A 152 -8.04 -4.11 14.02
C PHE A 152 -7.66 -2.78 14.67
N PRO A 153 -7.78 -1.66 13.91
CA PRO A 153 -8.09 -1.58 12.47
C PRO A 153 -6.78 -1.66 11.67
N GLU A 154 -6.82 -1.26 10.41
CA GLU A 154 -5.57 -1.15 9.66
C GLU A 154 -4.85 0.13 10.13
N PRO A 155 -3.55 0.29 9.92
CA PRO A 155 -2.63 -0.60 9.21
C PRO A 155 -1.62 -1.26 10.13
N VAL A 156 -1.03 -2.34 9.63
CA VAL A 156 0.12 -3.02 10.18
C VAL A 156 1.22 -2.71 9.17
N THR A 157 2.40 -2.36 9.66
CA THR A 157 3.54 -2.21 8.74
C THR A 157 4.50 -3.35 9.08
N VAL A 158 5.22 -3.81 8.08
CA VAL A 158 6.22 -4.87 8.23
C VAL A 158 7.50 -4.46 7.53
N SER A 159 8.62 -4.55 8.25
CA SER A 159 9.96 -4.37 7.69
C SER A 159 10.72 -5.66 8.02
N TRP A 160 11.81 -5.90 7.32
CA TRP A 160 12.64 -7.09 7.54
C TRP A 160 14.03 -6.62 7.91
N ASN A 161 14.58 -7.16 9.01
CA ASN A 161 15.92 -6.84 9.51
C ASN A 161 16.11 -5.34 9.67
N SER A 162 15.08 -4.67 10.25
CA SER A 162 15.05 -3.22 10.52
C SER A 162 15.26 -2.34 9.25
N GLY A 163 14.76 -2.82 8.13
CA GLY A 163 14.84 -2.11 6.86
C GLY A 163 16.02 -2.49 6.00
N ALA A 164 16.96 -3.32 6.54
CA ALA A 164 18.15 -3.79 5.79
C ALA A 164 17.81 -4.81 4.69
N LEU A 165 16.64 -5.46 4.81
CA LEU A 165 16.26 -6.46 3.82
C LEU A 165 15.03 -5.93 3.10
N THR A 166 15.18 -5.59 1.82
CA THR A 166 14.04 -5.06 1.04
C THR A 166 13.86 -5.80 -0.27
N SER A 167 14.95 -6.33 -0.87
N SER A 167 14.95 -6.33 -0.86
CA SER A 167 14.85 -7.07 -2.12
CA SER A 167 14.88 -7.08 -2.12
C SER A 167 14.08 -8.38 -1.90
C SER A 167 14.14 -8.42 -1.94
N GLY A 168 13.17 -8.69 -2.81
CA GLY A 168 12.37 -9.91 -2.77
C GLY A 168 11.26 -9.93 -1.72
N VAL A 169 11.00 -8.82 -1.06
CA VAL A 169 9.94 -8.78 -0.05
C VAL A 169 8.62 -8.53 -0.73
N HIS A 170 7.58 -9.27 -0.30
CA HIS A 170 6.20 -9.00 -0.68
C HIS A 170 5.38 -8.92 0.59
N THR A 171 4.89 -7.73 0.93
CA THR A 171 3.98 -7.55 2.06
C THR A 171 2.62 -7.38 1.42
N PHE A 172 1.79 -8.38 1.60
CA PHE A 172 0.50 -8.42 0.94
C PHE A 172 -0.56 -7.48 1.52
N PRO A 173 -1.51 -7.03 0.69
CA PRO A 173 -2.68 -6.31 1.22
C PRO A 173 -3.39 -7.23 2.20
N ALA A 174 -3.93 -6.64 3.24
CA ALA A 174 -4.69 -7.37 4.27
C ALA A 174 -5.97 -7.93 3.70
N VAL A 175 -6.48 -9.02 4.33
CA VAL A 175 -7.79 -9.58 4.03
C VAL A 175 -8.62 -9.34 5.25
N LEU A 176 -9.90 -9.16 5.05
CA LEU A 176 -10.85 -8.91 6.11
C LEU A 176 -11.47 -10.28 6.45
N GLN A 177 -11.22 -10.78 7.67
CA GLN A 177 -11.80 -12.07 8.11
C GLN A 177 -13.29 -11.90 8.46
N SER A 178 -14.04 -13.03 8.56
CA SER A 178 -15.49 -13.02 8.88
C SER A 178 -15.76 -12.30 10.19
N SER A 179 -14.81 -12.38 11.15
CA SER A 179 -14.90 -11.71 12.43
C SER A 179 -14.80 -10.17 12.33
N GLY A 180 -14.34 -9.65 11.19
CA GLY A 180 -14.15 -8.21 11.04
C GLY A 180 -12.72 -7.80 11.38
N LEU A 181 -11.88 -8.79 11.76
CA LEU A 181 -10.46 -8.55 12.05
C LEU A 181 -9.70 -8.71 10.76
N TYR A 182 -8.49 -8.15 10.68
CA TYR A 182 -7.65 -8.26 9.50
C TYR A 182 -6.55 -9.26 9.71
N SER A 183 -5.97 -9.72 8.58
N SER A 183 -5.98 -9.74 8.58
CA SER A 183 -4.84 -10.63 8.56
CA SER A 183 -4.82 -10.61 8.55
C SER A 183 -4.00 -10.34 7.32
C SER A 183 -3.98 -10.25 7.35
N LEU A 184 -2.67 -10.40 7.47
CA LEU A 184 -1.78 -10.20 6.33
C LEU A 184 -0.57 -11.06 6.43
N SER A 185 0.11 -11.26 5.31
N SER A 185 0.11 -11.27 5.28
CA SER A 185 1.37 -11.97 5.36
CA SER A 185 1.34 -12.05 5.19
C SER A 185 2.43 -11.10 4.70
C SER A 185 2.46 -11.20 4.57
N SER A 186 3.70 -11.35 5.08
CA SER A 186 4.86 -10.68 4.54
C SER A 186 5.85 -11.78 4.30
N VAL A 187 6.33 -11.89 3.07
CA VAL A 187 7.25 -12.94 2.67
C VAL A 187 8.47 -12.36 2.05
N VAL A 188 9.53 -13.15 1.99
CA VAL A 188 10.75 -12.77 1.29
C VAL A 188 11.39 -14.02 0.70
N THR A 189 12.04 -13.86 -0.44
CA THR A 189 12.78 -14.95 -1.07
C THR A 189 14.23 -14.64 -0.90
N VAL A 190 14.98 -15.64 -0.47
CA VAL A 190 16.40 -15.46 -0.16
C VAL A 190 17.17 -16.66 -0.72
N PRO A 191 18.51 -16.64 -0.72
CA PRO A 191 19.26 -17.84 -1.17
C PRO A 191 19.01 -19.01 -0.18
N SER A 192 18.75 -20.21 -0.70
CA SER A 192 18.58 -21.36 0.21
C SER A 192 19.92 -21.74 0.86
N SER A 193 21.04 -21.44 0.19
CA SER A 193 22.39 -21.78 0.63
C SER A 193 22.83 -21.14 1.95
N SER A 194 22.30 -19.95 2.26
N SER A 194 22.32 -19.95 2.27
CA SER A 194 22.68 -19.16 3.42
CA SER A 194 22.74 -19.22 3.49
C SER A 194 21.67 -19.16 4.58
C SER A 194 21.70 -19.20 4.63
N LEU A 195 20.70 -20.11 4.59
CA LEU A 195 19.72 -20.18 5.69
C LEU A 195 20.37 -20.47 7.07
N GLY A 196 21.52 -21.12 7.06
CA GLY A 196 22.27 -21.42 8.27
C GLY A 196 23.08 -20.26 8.85
N THR A 197 23.40 -19.26 8.04
CA THR A 197 24.30 -18.18 8.50
C THR A 197 23.60 -16.83 8.64
N GLN A 198 22.48 -16.63 7.92
CA GLN A 198 21.81 -15.34 7.96
C GLN A 198 20.66 -15.38 8.96
N THR A 199 20.33 -14.21 9.52
CA THR A 199 19.20 -14.09 10.46
C THR A 199 18.15 -13.24 9.79
N TYR A 200 16.90 -13.69 9.83
CA TYR A 200 15.76 -12.99 9.26
C TYR A 200 14.74 -12.70 10.32
N ILE A 201 14.47 -11.41 10.53
CA ILE A 201 13.55 -10.95 11.58
C ILE A 201 12.52 -10.05 10.94
N CYS A 202 11.25 -10.38 11.14
CA CYS A 202 10.21 -9.47 10.67
C CYS A 202 9.87 -8.53 11.83
N ASN A 203 9.80 -7.23 11.53
CA ASN A 203 9.47 -6.19 12.50
C ASN A 203 8.05 -5.73 12.15
N VAL A 204 7.11 -6.07 13.01
CA VAL A 204 5.69 -5.79 12.84
C VAL A 204 5.28 -4.64 13.77
N ASN A 205 4.58 -3.65 13.22
CA ASN A 205 4.12 -2.50 14.00
CA ASN A 205 4.12 -2.48 13.98
C ASN A 205 2.65 -2.25 13.73
N HIS A 206 1.86 -2.19 14.78
CA HIS A 206 0.43 -1.88 14.71
C HIS A 206 0.24 -0.74 15.70
N LYS A 207 0.42 0.50 15.21
CA LYS A 207 0.32 1.73 16.02
C LYS A 207 -1.00 1.82 16.82
N PRO A 208 -2.21 1.60 16.21
CA PRO A 208 -3.45 1.71 17.01
C PRO A 208 -3.51 0.94 18.34
N SER A 209 -2.96 -0.29 18.40
CA SER A 209 -2.95 -1.10 19.62
C SER A 209 -1.59 -1.04 20.34
N ASN A 210 -0.72 -0.10 19.89
CA ASN A 210 0.64 0.13 20.37
C ASN A 210 1.45 -1.19 20.45
N THR A 211 1.29 -2.05 19.40
CA THR A 211 1.96 -3.34 19.28
C THR A 211 3.18 -3.19 18.38
N LYS A 212 4.31 -3.72 18.85
CA LYS A 212 5.57 -3.75 18.13
C LYS A 212 6.15 -5.15 18.42
N VAL A 213 6.28 -5.98 17.40
CA VAL A 213 6.79 -7.35 17.55
C VAL A 213 7.95 -7.56 16.57
N ASP A 214 9.05 -8.16 17.06
CA ASP A 214 10.19 -8.57 16.23
C ASP A 214 10.22 -10.08 16.34
N LYS A 215 10.00 -10.77 15.22
CA LYS A 215 9.95 -12.21 15.21
C LYS A 215 11.03 -12.78 14.33
N LYS A 216 11.96 -13.55 14.92
CA LYS A 216 13.00 -14.23 14.19
C LYS A 216 12.37 -15.45 13.52
N VAL A 217 12.59 -15.60 12.21
CA VAL A 217 12.02 -16.70 11.43
C VAL A 217 13.15 -17.66 11.12
N GLU A 218 13.12 -18.87 11.71
CA GLU A 218 14.20 -19.86 11.52
C GLU A 218 13.78 -21.04 10.68
N PRO A 219 14.72 -21.73 9.97
CA PRO A 219 14.32 -22.90 9.18
C PRO A 219 13.69 -23.97 10.05
N LYS A 220 12.64 -24.61 9.52
CA LYS A 220 11.84 -25.62 10.21
C LYS A 220 12.64 -26.89 10.54
N SER A 221 12.84 -27.14 11.86
CA SER A 221 13.56 -28.30 12.40
C SER A 221 12.64 -29.52 12.44
N ASP B 1 -17.55 24.38 -7.90
CA ASP B 1 -16.20 23.85 -7.87
C ASP B 1 -15.82 23.29 -9.25
N ILE B 2 -14.54 23.37 -9.63
CA ILE B 2 -14.06 22.84 -10.91
C ILE B 2 -13.86 21.34 -10.81
N GLN B 3 -14.56 20.59 -11.66
CA GLN B 3 -14.45 19.12 -11.74
C GLN B 3 -13.32 18.75 -12.70
N MET B 4 -12.39 17.89 -12.24
CA MET B 4 -11.27 17.43 -13.07
C MET B 4 -11.53 15.99 -13.44
N THR B 5 -11.66 15.71 -14.75
CA THR B 5 -11.99 14.37 -15.21
C THR B 5 -10.86 13.85 -16.08
N GLN B 6 -10.29 12.73 -15.67
CA GLN B 6 -9.22 12.10 -16.45
C GLN B 6 -9.74 11.01 -17.35
N SER B 7 -9.04 10.78 -18.46
CA SER B 7 -9.39 9.73 -19.40
CA SER B 7 -9.40 9.68 -19.34
C SER B 7 -8.14 9.08 -19.98
N PRO B 8 -8.06 7.71 -20.01
CA PRO B 8 -9.01 6.73 -19.45
C PRO B 8 -8.80 6.68 -17.91
N SER B 9 -9.63 5.93 -17.18
CA SER B 9 -9.43 5.81 -15.72
C SER B 9 -8.35 4.75 -15.47
N SER B 10 -8.16 3.84 -16.44
CA SER B 10 -7.11 2.83 -16.32
C SER B 10 -6.67 2.39 -17.70
N LEU B 11 -5.41 1.95 -17.83
CA LEU B 11 -4.94 1.43 -19.11
C LEU B 11 -3.80 0.44 -18.84
N SER B 12 -3.54 -0.44 -19.79
CA SER B 12 -2.39 -1.32 -19.66
C SER B 12 -1.59 -1.14 -20.94
N ALA B 13 -0.27 -1.05 -20.84
CA ALA B 13 0.56 -0.88 -22.04
C ALA B 13 1.87 -1.63 -21.86
N SER B 14 2.60 -1.86 -22.95
CA SER B 14 3.88 -2.55 -22.91
C SER B 14 4.99 -1.59 -22.64
N VAL B 15 6.12 -2.12 -22.21
CA VAL B 15 7.36 -1.37 -22.06
C VAL B 15 7.72 -0.78 -23.42
N GLY B 16 8.01 0.52 -23.46
CA GLY B 16 8.38 1.16 -24.72
C GLY B 16 7.24 1.88 -25.40
N ASP B 17 5.99 1.70 -24.90
CA ASP B 17 4.80 2.35 -25.46
C ASP B 17 4.75 3.82 -25.12
N ARG B 18 4.06 4.56 -25.97
CA ARG B 18 3.80 5.96 -25.69
C ARG B 18 2.43 5.98 -25.03
N VAL B 19 2.34 6.47 -23.82
CA VAL B 19 1.07 6.54 -23.08
C VAL B 19 0.53 7.98 -23.06
N THR B 20 -0.78 8.14 -23.30
CA THR B 20 -1.43 9.45 -23.34
C THR B 20 -2.55 9.47 -22.30
N ILE B 21 -2.46 10.37 -21.35
CA ILE B 21 -3.50 10.51 -20.32
C ILE B 21 -4.07 11.93 -20.43
N THR B 22 -5.39 12.05 -20.57
CA THR B 22 -6.01 13.37 -20.66
C THR B 22 -6.60 13.81 -19.34
N CYS B 23 -6.61 15.12 -19.12
CA CYS B 23 -7.25 15.74 -17.97
C CYS B 23 -8.10 16.85 -18.53
N ARG B 24 -9.41 16.78 -18.26
CA ARG B 24 -10.35 17.82 -18.66
C ARG B 24 -10.87 18.53 -17.44
N ALA B 25 -10.92 19.85 -17.52
CA ALA B 25 -11.45 20.69 -16.47
C ALA B 25 -12.86 21.15 -16.88
N SER B 26 -13.81 21.14 -15.95
CA SER B 26 -15.20 21.57 -16.19
C SER B 26 -15.31 23.06 -16.59
N SER B 27 -14.34 23.88 -16.19
CA SER B 27 -14.23 25.28 -16.60
C SER B 27 -12.73 25.57 -16.71
N SER B 28 -12.38 26.64 -17.44
CA SER B 28 -11.00 27.04 -17.69
C SER B 28 -10.17 27.18 -16.40
N VAL B 29 -8.92 26.69 -16.44
CA VAL B 29 -7.97 26.79 -15.33
C VAL B 29 -6.69 27.41 -15.87
N GLU B 30 -5.90 28.08 -15.01
CA GLU B 30 -4.66 28.73 -15.47
C GLU B 30 -3.62 27.72 -15.96
N PHE B 31 -3.58 26.54 -15.32
CA PHE B 31 -2.65 25.45 -15.61
C PHE B 31 -3.09 24.31 -14.72
N ILE B 32 -2.42 23.16 -14.82
CA ILE B 32 -2.65 22.04 -13.95
C ILE B 32 -1.32 21.51 -13.45
N HIS B 33 -1.34 20.72 -12.38
CA HIS B 33 -0.17 20.01 -11.88
C HIS B 33 -0.45 18.53 -12.08
N TRP B 34 0.60 17.69 -12.25
CA TRP B 34 0.42 16.23 -12.32
C TRP B 34 1.23 15.61 -11.16
N TYR B 35 0.71 14.53 -10.58
CA TYR B 35 1.33 13.75 -9.52
C TYR B 35 1.32 12.28 -9.92
N GLN B 36 2.28 11.54 -9.41
CA GLN B 36 2.36 10.10 -9.63
C GLN B 36 2.33 9.48 -8.23
N GLN B 37 1.48 8.46 -8.02
CA GLN B 37 1.41 7.81 -6.73
C GLN B 37 1.51 6.30 -6.90
N LYS B 38 2.45 5.70 -6.16
CA LYS B 38 2.62 4.23 -6.08
C LYS B 38 1.70 3.68 -4.96
N PRO B 39 1.18 2.41 -5.02
CA PRO B 39 0.26 1.94 -3.95
C PRO B 39 0.87 1.96 -2.55
N GLY B 40 0.10 2.48 -1.60
CA GLY B 40 0.54 2.63 -0.21
C GLY B 40 1.64 3.67 -0.02
N LYS B 41 1.97 4.46 -1.06
CA LYS B 41 2.98 5.51 -0.99
C LYS B 41 2.34 6.88 -1.18
N ALA B 42 2.98 7.94 -0.69
CA ALA B 42 2.42 9.29 -0.86
C ALA B 42 2.57 9.71 -2.33
N PRO B 43 1.69 10.59 -2.83
CA PRO B 43 1.90 11.12 -4.19
C PRO B 43 3.22 11.90 -4.28
N LYS B 44 3.79 11.97 -5.48
CA LYS B 44 5.03 12.73 -5.75
C LYS B 44 4.74 13.72 -6.87
N PRO B 45 5.29 14.96 -6.88
CA PRO B 45 5.03 15.84 -8.03
C PRO B 45 5.70 15.28 -9.26
N LEU B 46 5.03 15.40 -10.38
CA LEU B 46 5.53 14.93 -11.66
C LEU B 46 5.72 16.10 -12.61
N ILE B 47 4.65 16.91 -12.79
CA ILE B 47 4.68 18.09 -13.65
C ILE B 47 4.07 19.28 -12.90
N SER B 48 4.70 20.48 -13.00
CA SER B 48 4.19 21.73 -12.41
C SER B 48 3.74 22.63 -13.53
N ALA B 49 2.61 23.30 -13.32
CA ALA B 49 2.05 24.30 -14.21
C ALA B 49 2.07 23.84 -15.68
N THR B 50 1.41 22.70 -15.90
CA THR B 50 1.12 22.09 -17.18
C THR B 50 2.30 21.42 -17.85
N SER B 51 3.46 22.11 -17.96
CA SER B 51 4.54 21.56 -18.77
C SER B 51 5.91 21.48 -18.12
N ASN B 52 6.08 21.99 -16.88
CA ASN B 52 7.41 21.98 -16.25
C ASN B 52 7.66 20.70 -15.45
N LEU B 53 8.67 19.90 -15.86
CA LEU B 53 9.01 18.66 -15.15
C LEU B 53 9.47 18.96 -13.75
N ALA B 54 8.97 18.18 -12.78
CA ALA B 54 9.37 18.35 -11.37
C ALA B 54 10.81 17.85 -11.23
N SER B 55 11.51 18.26 -10.15
CA SER B 55 12.90 17.87 -9.94
C SER B 55 13.08 16.36 -9.94
N GLY B 56 14.09 15.89 -10.66
CA GLY B 56 14.42 14.47 -10.74
C GLY B 56 13.56 13.65 -11.67
N VAL B 57 12.51 14.26 -12.27
CA VAL B 57 11.58 13.51 -13.15
C VAL B 57 12.24 13.25 -14.50
N PRO B 58 12.25 11.97 -14.95
CA PRO B 58 12.84 11.66 -16.26
C PRO B 58 12.16 12.38 -17.44
N SER B 59 12.95 12.66 -18.48
CA SER B 59 12.57 13.36 -19.71
C SER B 59 11.46 12.64 -20.50
N ARG B 60 11.22 11.35 -20.24
CA ARG B 60 10.14 10.60 -20.92
C ARG B 60 8.74 11.14 -20.54
N PHE B 61 8.65 11.84 -19.39
CA PHE B 61 7.41 12.48 -18.99
C PHE B 61 7.34 13.86 -19.61
N SER B 62 6.16 14.26 -20.09
CA SER B 62 5.93 15.63 -20.58
C SER B 62 4.45 15.97 -20.44
N GLY B 63 4.15 17.26 -20.31
CA GLY B 63 2.78 17.72 -20.19
C GLY B 63 2.50 18.83 -21.17
N SER B 64 1.27 18.87 -21.69
CA SER B 64 0.85 19.91 -22.62
C SER B 64 -0.60 20.27 -22.32
N GLY B 65 -1.10 21.29 -23.02
CA GLY B 65 -2.50 21.70 -22.90
C GLY B 65 -2.74 23.10 -22.39
N SER B 66 -3.98 23.54 -22.44
CA SER B 66 -4.40 24.88 -22.00
C SER B 66 -5.91 24.88 -21.85
N GLY B 67 -6.42 25.85 -21.10
CA GLY B 67 -7.84 26.06 -20.90
C GLY B 67 -8.51 24.97 -20.11
N THR B 68 -9.15 24.01 -20.81
CA THR B 68 -9.88 22.90 -20.18
C THR B 68 -9.35 21.52 -20.59
N ASP B 69 -8.32 21.49 -21.44
CA ASP B 69 -7.80 20.25 -22.02
C ASP B 69 -6.30 20.14 -21.88
N PHE B 70 -5.85 19.08 -21.19
CA PHE B 70 -4.46 18.85 -20.83
C PHE B 70 -4.09 17.40 -21.04
N THR B 71 -2.82 17.15 -21.27
CA THR B 71 -2.36 15.81 -21.59
C THR B 71 -1.04 15.55 -20.91
N LEU B 72 -0.92 14.38 -20.26
CA LEU B 72 0.32 13.87 -19.72
C LEU B 72 0.77 12.79 -20.69
N THR B 73 2.01 12.86 -21.19
CA THR B 73 2.53 11.82 -22.08
C THR B 73 3.74 11.15 -21.43
N ILE B 74 3.79 9.82 -21.50
CA ILE B 74 4.94 9.04 -21.08
C ILE B 74 5.46 8.51 -22.44
N SER B 75 6.57 9.05 -22.95
CA SER B 75 7.01 8.69 -24.32
C SER B 75 7.48 7.24 -24.55
N SER B 76 8.06 6.58 -23.53
CA SER B 76 8.56 5.22 -23.63
C SER B 76 8.38 4.55 -22.28
N LEU B 77 7.21 3.95 -22.08
CA LEU B 77 6.81 3.38 -20.81
C LEU B 77 7.84 2.44 -20.21
N GLN B 78 8.13 2.62 -18.93
CA GLN B 78 9.09 1.78 -18.22
C GLN B 78 8.39 0.99 -17.12
N PRO B 79 8.95 -0.17 -16.64
CA PRO B 79 8.26 -0.94 -15.60
C PRO B 79 8.01 -0.13 -14.32
N GLU B 80 8.92 0.79 -13.97
CA GLU B 80 8.77 1.61 -12.74
C GLU B 80 7.70 2.72 -12.90
N ASP B 81 7.07 2.85 -14.07
CA ASP B 81 6.00 3.83 -14.32
C ASP B 81 4.62 3.29 -13.89
N PHE B 82 4.57 2.02 -13.42
CA PHE B 82 3.35 1.46 -12.84
C PHE B 82 2.97 2.41 -11.68
N ALA B 83 1.77 3.01 -11.73
CA ALA B 83 1.33 4.01 -10.73
C ALA B 83 -0.03 4.51 -11.12
N THR B 84 -0.61 5.34 -10.24
CA THR B 84 -1.81 6.11 -10.52
C THR B 84 -1.34 7.55 -10.71
N TYR B 85 -1.79 8.19 -11.79
CA TYR B 85 -1.41 9.57 -12.15
C TYR B 85 -2.59 10.47 -11.92
N TYR B 86 -2.39 11.62 -11.25
CA TYR B 86 -3.45 12.57 -10.93
C TYR B 86 -3.15 13.94 -11.45
N CYS B 87 -4.16 14.60 -12.05
CA CYS B 87 -4.06 16.02 -12.40
C CYS B 87 -4.71 16.84 -11.28
N GLN B 88 -4.35 18.13 -11.20
CA GLN B 88 -4.85 18.95 -10.14
C GLN B 88 -4.87 20.39 -10.54
N GLN B 89 -5.86 21.13 -10.04
CA GLN B 89 -5.93 22.58 -10.28
C GLN B 89 -6.03 23.34 -8.97
N TRP B 90 -5.54 24.59 -8.91
CA TRP B 90 -5.77 25.44 -7.76
C TRP B 90 -6.02 26.90 -8.20
N SER B 91 -6.46 27.05 -9.47
CA SER B 91 -6.84 28.34 -10.07
C SER B 91 -8.11 28.84 -9.44
N SER B 92 -8.98 27.90 -9.01
CA SER B 92 -10.23 28.25 -8.35
C SER B 92 -10.40 27.44 -7.07
N ALA B 93 -10.79 28.09 -5.98
CA ALA B 93 -10.99 27.41 -4.71
C ALA B 93 -12.34 26.65 -4.75
N PRO B 94 -12.43 25.39 -4.24
CA PRO B 94 -11.37 24.60 -3.61
C PRO B 94 -10.47 23.96 -4.65
N TRP B 95 -9.25 23.66 -4.22
CA TRP B 95 -8.32 22.93 -5.08
C TRP B 95 -8.99 21.60 -5.36
N THR B 96 -8.90 21.11 -6.59
CA THR B 96 -9.51 19.83 -6.96
C THR B 96 -8.52 18.98 -7.73
N PHE B 97 -8.63 17.64 -7.57
CA PHE B 97 -7.84 16.66 -8.28
C PHE B 97 -8.74 15.85 -9.22
N GLY B 98 -8.11 15.27 -10.23
CA GLY B 98 -8.72 14.30 -11.13
C GLY B 98 -8.91 13.02 -10.36
N GLN B 99 -9.66 12.08 -10.92
CA GLN B 99 -9.95 10.81 -10.22
C GLN B 99 -8.77 9.84 -10.27
N GLY B 100 -7.78 10.15 -11.08
CA GLY B 100 -6.62 9.28 -11.21
C GLY B 100 -6.72 8.32 -12.37
N THR B 101 -5.59 8.06 -13.02
CA THR B 101 -5.50 7.10 -14.11
C THR B 101 -4.46 6.07 -13.68
N LYS B 102 -4.88 4.80 -13.57
CA LYS B 102 -3.96 3.72 -13.18
C LYS B 102 -3.29 3.20 -14.45
N VAL B 103 -1.96 3.12 -14.43
CA VAL B 103 -1.20 2.60 -15.57
C VAL B 103 -0.62 1.29 -15.12
N GLU B 104 -0.91 0.22 -15.85
CA GLU B 104 -0.36 -1.12 -15.59
C GLU B 104 0.47 -1.56 -16.77
N ILE B 105 1.47 -2.42 -16.49
CA ILE B 105 2.40 -2.85 -17.50
C ILE B 105 2.06 -4.24 -18.02
N LYS B 106 2.11 -4.40 -19.36
CA LYS B 106 1.91 -5.70 -19.97
C LYS B 106 3.31 -6.26 -20.15
N ARG B 107 3.49 -7.57 -19.97
CA ARG B 107 4.79 -8.21 -20.14
C ARG B 107 4.54 -9.64 -20.54
N THR B 108 5.62 -10.42 -20.66
CA THR B 108 5.49 -11.85 -21.00
C THR B 108 4.88 -12.65 -19.87
N VAL B 109 4.29 -13.78 -20.24
CA VAL B 109 3.74 -14.72 -19.28
C VAL B 109 4.92 -15.22 -18.43
N ALA B 110 4.69 -15.32 -17.12
CA ALA B 110 5.66 -15.78 -16.12
C ALA B 110 4.90 -16.72 -15.17
N ALA B 111 5.36 -17.95 -15.07
CA ALA B 111 4.73 -18.94 -14.23
C ALA B 111 5.02 -18.63 -12.77
N PRO B 112 4.07 -18.86 -11.86
CA PRO B 112 4.39 -18.65 -10.43
C PRO B 112 5.31 -19.74 -9.87
N SER B 113 6.10 -19.36 -8.85
CA SER B 113 6.89 -20.28 -8.04
C SER B 113 5.99 -20.48 -6.83
N VAL B 114 5.69 -21.74 -6.52
CA VAL B 114 4.71 -22.08 -5.49
C VAL B 114 5.39 -22.62 -4.24
N PHE B 115 5.03 -22.06 -3.10
CA PHE B 115 5.62 -22.42 -1.80
C PHE B 115 4.46 -22.69 -0.80
N ILE B 116 4.63 -23.66 0.09
CA ILE B 116 3.58 -23.92 1.08
C ILE B 116 4.19 -23.89 2.49
N PHE B 117 3.44 -23.33 3.44
CA PHE B 117 3.89 -23.21 4.83
C PHE B 117 2.88 -23.86 5.77
N PRO B 118 3.28 -24.91 6.53
CA PRO B 118 2.36 -25.49 7.53
C PRO B 118 2.12 -24.49 8.67
N PRO B 119 1.14 -24.68 9.58
CA PRO B 119 1.02 -23.74 10.71
C PRO B 119 2.22 -23.88 11.63
N SER B 120 2.55 -22.80 12.33
CA SER B 120 3.64 -22.76 13.32
C SER B 120 3.16 -23.46 14.58
N ASP B 121 4.11 -23.99 15.36
CA ASP B 121 3.81 -24.63 16.64
C ASP B 121 3.19 -23.61 17.61
N GLU B 122 3.64 -22.32 17.55
CA GLU B 122 3.10 -21.24 18.40
C GLU B 122 1.59 -21.04 18.14
N GLN B 123 1.20 -21.06 16.86
CA GLN B 123 -0.22 -20.90 16.52
C GLN B 123 -1.05 -22.10 16.94
N LEU B 124 -0.51 -23.30 16.80
CA LEU B 124 -1.22 -24.52 17.20
C LEU B 124 -1.53 -24.48 18.70
N LYS B 125 -0.57 -23.99 19.51
CA LYS B 125 -0.73 -23.79 20.96
C LYS B 125 -1.94 -22.89 21.28
N SER B 126 -2.24 -21.92 20.40
CA SER B 126 -3.38 -21.00 20.57
C SER B 126 -4.73 -21.62 20.15
N GLY B 127 -4.71 -22.77 19.49
CA GLY B 127 -5.92 -23.47 19.06
C GLY B 127 -6.38 -23.21 17.64
N THR B 128 -5.51 -22.61 16.81
CA THR B 128 -5.80 -22.30 15.41
C THR B 128 -4.68 -22.81 14.52
N ALA B 129 -5.03 -23.18 13.28
CA ALA B 129 -4.05 -23.63 12.31
C ALA B 129 -4.26 -22.90 10.98
N SER B 130 -3.28 -22.06 10.60
CA SER B 130 -3.34 -21.39 9.32
C SER B 130 -2.28 -21.98 8.41
N VAL B 131 -2.70 -22.39 7.21
CA VAL B 131 -1.77 -22.98 6.22
C VAL B 131 -1.66 -21.93 5.12
N VAL B 132 -0.43 -21.54 4.75
CA VAL B 132 -0.24 -20.49 3.76
C VAL B 132 0.36 -21.03 2.46
N CYS B 133 -0.24 -20.67 1.33
CA CYS B 133 0.24 -21.00 0.00
C CYS B 133 0.68 -19.70 -0.68
N LEU B 134 1.97 -19.62 -1.07
CA LEU B 134 2.52 -18.46 -1.73
C LEU B 134 2.76 -18.71 -3.25
N LEU B 135 2.28 -17.80 -4.11
CA LEU B 135 2.49 -17.88 -5.56
C LEU B 135 3.35 -16.65 -5.86
N ASN B 136 4.60 -16.88 -6.18
CA ASN B 136 5.51 -15.79 -6.35
C ASN B 136 5.83 -15.45 -7.78
N ASN B 137 5.76 -14.13 -8.06
CA ASN B 137 6.23 -13.45 -9.28
C ASN B 137 5.72 -14.05 -10.56
N PHE B 138 4.42 -13.89 -10.79
CA PHE B 138 3.77 -14.42 -11.98
C PHE B 138 3.11 -13.35 -12.81
N TYR B 139 2.77 -13.69 -14.05
CA TYR B 139 2.10 -12.79 -14.95
C TYR B 139 1.37 -13.66 -16.00
N PRO B 140 0.09 -13.39 -16.35
CA PRO B 140 -0.81 -12.33 -15.87
C PRO B 140 -1.30 -12.56 -14.43
N ARG B 141 -2.07 -11.61 -13.92
CA ARG B 141 -2.57 -11.63 -12.54
C ARG B 141 -3.52 -12.80 -12.22
N GLU B 142 -4.23 -13.29 -13.23
CA GLU B 142 -5.20 -14.35 -13.07
C GLU B 142 -4.54 -15.67 -12.69
N ALA B 143 -4.80 -16.14 -11.47
CA ALA B 143 -4.27 -17.40 -10.97
C ALA B 143 -5.36 -18.08 -10.17
N LYS B 144 -5.38 -19.41 -10.19
CA LYS B 144 -6.40 -20.17 -9.46
C LYS B 144 -5.72 -21.04 -8.42
N VAL B 145 -6.11 -20.85 -7.14
CA VAL B 145 -5.58 -21.63 -6.03
C VAL B 145 -6.71 -22.55 -5.56
N GLN B 146 -6.40 -23.83 -5.40
CA GLN B 146 -7.35 -24.78 -4.86
C GLN B 146 -6.72 -25.46 -3.64
N TRP B 147 -7.44 -25.49 -2.51
CA TRP B 147 -6.96 -26.15 -1.30
C TRP B 147 -7.57 -27.54 -1.26
N LYS B 148 -6.74 -28.55 -1.03
CA LYS B 148 -7.17 -29.94 -0.93
C LYS B 148 -6.60 -30.50 0.36
N VAL B 149 -7.48 -31.07 1.17
CA VAL B 149 -7.16 -31.69 2.47
C VAL B 149 -7.56 -33.15 2.33
N ASP B 150 -6.56 -34.07 2.43
CA ASP B 150 -6.76 -35.53 2.22
C ASP B 150 -7.40 -35.76 0.83
N ASN B 151 -7.00 -34.93 -0.16
CA ASN B 151 -7.46 -34.88 -1.56
C ASN B 151 -8.93 -34.41 -1.73
N ALA B 152 -9.55 -33.90 -0.64
CA ALA B 152 -10.91 -33.36 -0.72
C ALA B 152 -10.82 -31.84 -0.95
N LEU B 153 -11.46 -31.33 -2.03
CA LEU B 153 -11.45 -29.92 -2.39
C LEU B 153 -12.15 -29.09 -1.31
N GLN B 154 -11.45 -28.03 -0.82
CA GLN B 154 -11.97 -27.17 0.23
C GLN B 154 -12.77 -26.00 -0.31
N SER B 155 -13.75 -25.55 0.47
N SER B 155 -13.75 -25.54 0.47
CA SER B 155 -14.59 -24.40 0.13
CA SER B 155 -14.57 -24.38 0.14
C SER B 155 -14.99 -23.63 1.40
C SER B 155 -14.97 -23.63 1.41
N GLY B 156 -14.83 -22.32 1.36
CA GLY B 156 -15.21 -21.41 2.44
C GLY B 156 -14.37 -21.32 3.70
N ASN B 157 -13.14 -21.82 3.64
CA ASN B 157 -12.20 -21.76 4.77
C ASN B 157 -10.85 -21.07 4.37
N SER B 158 -10.82 -20.37 3.22
CA SER B 158 -9.59 -19.67 2.80
C SER B 158 -9.82 -18.22 2.39
N GLN B 159 -8.75 -17.43 2.40
CA GLN B 159 -8.76 -16.03 1.94
C GLN B 159 -7.48 -15.79 1.24
N GLU B 160 -7.53 -14.97 0.18
CA GLU B 160 -6.31 -14.67 -0.55
C GLU B 160 -6.25 -13.19 -0.90
N SER B 161 -5.04 -12.71 -1.19
CA SER B 161 -4.85 -11.34 -1.70
C SER B 161 -3.66 -11.34 -2.66
N VAL B 162 -3.74 -10.47 -3.63
CA VAL B 162 -2.71 -10.30 -4.66
C VAL B 162 -1.95 -9.01 -4.35
N THR B 163 -0.64 -8.95 -4.68
CA THR B 163 0.09 -7.69 -4.50
C THR B 163 -0.25 -6.76 -5.66
N GLU B 164 0.16 -5.48 -5.53
CA GLU B 164 0.14 -4.58 -6.66
C GLU B 164 1.26 -5.11 -7.61
N GLN B 165 1.28 -4.61 -8.83
CA GLN B 165 2.30 -4.99 -9.78
C GLN B 165 3.69 -4.53 -9.32
N ASP B 166 4.70 -5.41 -9.49
CA ASP B 166 6.09 -5.14 -9.13
C ASP B 166 6.65 -4.00 -10.03
N SER B 167 7.34 -3.01 -9.43
CA SER B 167 7.93 -1.88 -10.13
CA SER B 167 7.90 -1.90 -10.18
C SER B 167 9.14 -2.24 -11.00
N LYS B 168 9.73 -3.40 -10.77
CA LYS B 168 10.91 -3.82 -11.49
C LYS B 168 10.63 -4.85 -12.57
N ASP B 169 9.92 -5.94 -12.22
CA ASP B 169 9.69 -7.03 -13.16
C ASP B 169 8.23 -7.14 -13.64
N SER B 170 7.36 -6.24 -13.19
CA SER B 170 5.94 -6.17 -13.63
C SER B 170 5.13 -7.44 -13.30
N THR B 171 5.57 -8.24 -12.31
CA THR B 171 4.81 -9.45 -11.97
C THR B 171 3.89 -9.17 -10.77
N TYR B 172 3.08 -10.18 -10.42
CA TYR B 172 2.19 -10.17 -9.27
C TYR B 172 2.59 -11.31 -8.37
N SER B 173 2.21 -11.23 -7.07
CA SER B 173 2.37 -12.36 -6.16
C SER B 173 1.06 -12.53 -5.44
N LEU B 174 0.78 -13.73 -4.98
CA LEU B 174 -0.50 -14.02 -4.33
C LEU B 174 -0.27 -14.86 -3.10
N SER B 175 -0.99 -14.52 -2.03
CA SER B 175 -0.90 -15.28 -0.79
C SER B 175 -2.30 -15.81 -0.48
N SER B 176 -2.41 -17.11 -0.16
CA SER B 176 -3.71 -17.68 0.19
C SER B 176 -3.54 -18.40 1.52
N THR B 177 -4.49 -18.17 2.44
CA THR B 177 -4.43 -18.77 3.78
C THR B 177 -5.63 -19.64 4.01
N LEU B 178 -5.38 -20.90 4.37
CA LEU B 178 -6.43 -21.85 4.72
C LEU B 178 -6.51 -21.82 6.26
N THR B 179 -7.66 -21.45 6.84
CA THR B 179 -7.74 -21.39 8.31
C THR B 179 -8.71 -22.39 8.85
N LEU B 180 -8.20 -23.27 9.73
CA LEU B 180 -8.95 -24.31 10.41
C LEU B 180 -8.70 -24.24 11.91
N SER B 181 -9.59 -24.88 12.69
CA SER B 181 -9.38 -24.99 14.13
C SER B 181 -8.25 -26.02 14.31
N LYS B 182 -7.59 -26.06 15.48
CA LYS B 182 -6.55 -27.06 15.72
C LYS B 182 -7.16 -28.48 15.63
N ALA B 183 -8.34 -28.67 16.24
CA ALA B 183 -9.05 -29.96 16.26
C ALA B 183 -9.25 -30.50 14.84
N ASP B 184 -9.73 -29.65 13.90
CA ASP B 184 -9.94 -30.02 12.49
C ASP B 184 -8.62 -30.28 11.77
N TYR B 185 -7.63 -29.40 11.98
CA TYR B 185 -6.29 -29.58 11.40
C TYR B 185 -5.72 -30.96 11.77
N GLU B 186 -5.86 -31.35 13.06
CA GLU B 186 -5.37 -32.62 13.59
C GLU B 186 -6.10 -33.85 13.01
N LYS B 187 -7.30 -33.65 12.45
CA LYS B 187 -8.15 -34.71 11.87
C LYS B 187 -7.72 -35.21 10.49
N HIS B 188 -6.82 -34.47 9.80
CA HIS B 188 -6.39 -34.85 8.45
C HIS B 188 -4.87 -34.90 8.31
N LYS B 189 -4.39 -35.45 7.19
CA LYS B 189 -2.96 -35.67 6.96
C LYS B 189 -2.36 -34.80 5.90
N VAL B 190 -2.87 -34.92 4.67
CA VAL B 190 -2.33 -34.24 3.49
C VAL B 190 -2.93 -32.87 3.29
N TYR B 191 -2.09 -31.83 3.29
CA TYR B 191 -2.52 -30.45 3.06
C TYR B 191 -1.85 -30.00 1.80
N ALA B 192 -2.66 -29.63 0.81
CA ALA B 192 -2.16 -29.29 -0.51
C ALA B 192 -2.79 -28.03 -1.09
N CYS B 193 -1.99 -27.28 -1.84
CA CYS B 193 -2.49 -26.16 -2.62
C CYS B 193 -2.11 -26.42 -4.07
N GLU B 194 -3.11 -26.42 -4.92
CA GLU B 194 -3.01 -26.73 -6.34
C GLU B 194 -3.22 -25.44 -7.10
N VAL B 195 -2.24 -25.09 -7.92
CA VAL B 195 -2.17 -23.83 -8.65
C VAL B 195 -2.32 -23.99 -10.15
N THR B 196 -3.28 -23.25 -10.72
CA THR B 196 -3.56 -23.20 -12.14
C THR B 196 -3.19 -21.80 -12.62
N HIS B 197 -2.45 -21.72 -13.72
CA HIS B 197 -2.00 -20.45 -14.31
C HIS B 197 -1.58 -20.69 -15.75
N GLN B 198 -1.78 -19.68 -16.61
CA GLN B 198 -1.42 -19.66 -18.03
C GLN B 198 0.05 -20.14 -18.27
N GLY B 199 0.95 -19.77 -17.36
CA GLY B 199 2.36 -20.08 -17.42
C GLY B 199 2.70 -21.53 -17.11
N LEU B 200 1.74 -22.27 -16.54
CA LEU B 200 1.93 -23.67 -16.18
C LEU B 200 1.24 -24.57 -17.16
N SER B 201 2.01 -25.49 -17.76
CA SER B 201 1.54 -26.50 -18.72
C SER B 201 0.48 -27.39 -18.06
N SER B 202 0.69 -27.75 -16.78
CA SER B 202 -0.24 -28.54 -15.98
C SER B 202 -0.32 -27.93 -14.55
N PRO B 203 -1.43 -28.13 -13.78
CA PRO B 203 -1.48 -27.54 -12.43
C PRO B 203 -0.39 -28.06 -11.49
N VAL B 204 0.24 -27.15 -10.73
CA VAL B 204 1.33 -27.43 -9.79
C VAL B 204 0.76 -27.65 -8.38
N THR B 205 1.15 -28.75 -7.70
CA THR B 205 0.70 -29.05 -6.34
C THR B 205 1.88 -29.04 -5.39
N LYS B 206 1.78 -28.25 -4.32
CA LYS B 206 2.72 -28.23 -3.22
C LYS B 206 1.92 -28.78 -2.08
N SER B 207 2.44 -29.78 -1.40
CA SER B 207 1.73 -30.40 -0.32
C SER B 207 2.69 -30.80 0.75
N PHE B 208 2.14 -31.13 1.93
CA PHE B 208 2.89 -31.65 3.05
C PHE B 208 1.98 -32.53 3.88
N ASN B 209 2.58 -33.44 4.65
CA ASN B 209 1.81 -34.30 5.55
C ASN B 209 1.98 -33.71 6.93
N ARG B 210 0.87 -33.47 7.64
CA ARG B 210 0.89 -32.92 8.99
C ARG B 210 1.80 -33.78 9.91
N GLY B 211 2.71 -33.09 10.62
CA GLY B 211 3.65 -33.74 11.53
C GLY B 211 4.79 -34.46 10.83
N GLU B 212 5.33 -33.84 9.75
CA GLU B 212 6.45 -34.38 8.96
C GLU B 212 7.44 -33.28 8.64
#